data_3BHN
#
_entry.id   3BHN
#
_cell.length_a   71.320
_cell.length_b   71.320
_cell.length_c   180.630
_cell.angle_alpha   90.000
_cell.angle_beta   90.000
_cell.angle_gamma   120.000
#
_symmetry.space_group_name_H-M   'P 61 2 2'
#
loop_
_entity.id
_entity.type
_entity.pdbx_description
1 polymer 'ThiJ/PfpI domain protein'
2 non-polymer 1,2-ETHANEDIOL
3 water water
#
_entity_poly.entity_id   1
_entity_poly.type   'polypeptide(L)'
_entity_poly.pdbx_seq_one_letter_code
;(MSE)GSDKIHHHHHHENLYFQG(MSE)YKVGIVLFDDFTDVDFFL(MSE)NDLLGRTSDSWTVRILGTKPEHHSQLG
(MSE)TVKTDGHVSEVKEQDVVLITSGYRGIPAALQDENF(MSE)SALKLDPSRQLIGSICAGSFVLHELGLLKGKKLTT
NPDAKAVLQG(MSE)GGDVQDLPLVIEGNIATAGGCLSLLYLVGWLAERLFDSVKRKQIQNQLIPAGQ(MSE)EIFETLI
SETIQSAESAYEYRSACESDAESLVV
;
_entity_poly.pdbx_strand_id   A
#
# COMPACT_ATOMS: atom_id res chain seq x y z
N TYR A 21 -15.26 5.68 4.62
CA TYR A 21 -14.25 6.03 3.62
C TYR A 21 -14.29 5.08 2.42
N LYS A 22 -13.87 5.60 1.27
CA LYS A 22 -13.80 4.82 0.06
C LYS A 22 -12.36 4.35 -0.16
N VAL A 23 -12.17 3.03 -0.19
CA VAL A 23 -10.87 2.39 -0.45
C VAL A 23 -10.92 1.70 -1.82
N GLY A 24 -9.93 2.02 -2.66
CA GLY A 24 -9.76 1.36 -3.94
C GLY A 24 -8.47 0.52 -3.98
N ILE A 25 -8.61 -0.74 -4.37
CA ILE A 25 -7.49 -1.63 -4.55
C ILE A 25 -7.28 -1.74 -6.03
N VAL A 26 -6.08 -1.34 -6.47
CA VAL A 26 -5.72 -1.37 -7.89
C VAL A 26 -5.15 -2.74 -8.25
N LEU A 27 -5.83 -3.39 -9.19
CA LEU A 27 -5.50 -4.77 -9.62
C LEU A 27 -5.10 -4.84 -11.10
N PHE A 28 -4.48 -5.96 -11.47
CA PHE A 28 -3.95 -6.18 -12.83
C PHE A 28 -3.70 -7.68 -12.97
N ASP A 29 -3.54 -8.19 -14.20
CA ASP A 29 -3.33 -9.63 -14.37
C ASP A 29 -1.99 -10.06 -13.77
N ASP A 30 -1.95 -11.27 -13.28
CA ASP A 30 -0.76 -11.88 -12.66
C ASP A 30 -0.35 -11.19 -11.36
N PHE A 31 -1.37 -10.72 -10.64
CA PHE A 31 -1.15 -10.28 -9.27
C PHE A 31 -0.88 -11.49 -8.35
N THR A 32 -0.09 -11.24 -7.30
CA THR A 32 0.29 -12.24 -6.34
C THR A 32 -0.90 -12.52 -5.44
N ASP A 33 -1.34 -13.77 -5.45
CA ASP A 33 -2.50 -14.22 -4.66
C ASP A 33 -2.38 -13.88 -3.17
N VAL A 34 -1.28 -14.27 -2.53
CA VAL A 34 -1.26 -14.11 -1.07
C VAL A 34 -1.33 -12.64 -0.66
N ASP A 35 -0.69 -11.74 -1.41
CA ASP A 35 -0.72 -10.30 -1.06
C ASP A 35 -2.13 -9.76 -1.18
N PHE A 36 -2.78 -10.12 -2.28
CA PHE A 36 -4.11 -9.63 -2.54
C PHE A 36 -5.10 -10.14 -1.46
N PHE A 37 -5.12 -11.44 -1.20
CA PHE A 37 -6.09 -12.00 -0.27
C PHE A 37 -5.88 -11.56 1.16
N LEU A 38 -4.62 -11.41 1.56
CA LEU A 38 -4.32 -10.85 2.87
C LEU A 38 -4.72 -9.38 3.01
N ASN A 40 -7.03 -7.82 1.29
CA ASN A 40 -8.48 -7.80 1.24
C ASN A 40 -9.08 -8.30 2.55
N ASP A 41 -8.47 -9.32 3.12
CA ASP A 41 -8.96 -9.88 4.37
C ASP A 41 -8.83 -8.89 5.50
N LEU A 42 -7.66 -8.26 5.64
CA LEU A 42 -7.45 -7.26 6.70
C LEU A 42 -8.47 -6.13 6.60
N LEU A 43 -8.65 -5.57 5.42
CA LEU A 43 -9.60 -4.47 5.22
C LEU A 43 -11.02 -4.94 5.55
N GLY A 44 -11.32 -6.21 5.30
CA GLY A 44 -12.66 -6.73 5.59
C GLY A 44 -12.92 -7.04 7.03
N ARG A 45 -11.93 -6.83 7.91
CA ARG A 45 -12.11 -7.18 9.31
C ARG A 45 -12.91 -6.12 10.08
N THR A 46 -13.15 -4.99 9.43
CA THR A 46 -14.01 -3.97 9.99
C THR A 46 -15.12 -3.71 8.97
N SER A 47 -16.34 -3.58 9.49
CA SER A 47 -17.51 -3.41 8.66
C SER A 47 -18.06 -1.98 8.71
N ASP A 48 -17.50 -1.14 9.57
CA ASP A 48 -18.00 0.22 9.76
C ASP A 48 -16.95 1.29 9.50
N SER A 49 -15.96 0.96 8.68
CA SER A 49 -14.86 1.88 8.48
C SER A 49 -14.83 2.39 7.04
N TRP A 50 -14.91 1.46 6.10
CA TRP A 50 -14.66 1.78 4.71
C TRP A 50 -15.35 0.78 3.82
N THR A 51 -15.53 1.21 2.58
CA THR A 51 -16.08 0.37 1.54
CA THR A 51 -16.10 0.44 1.50
C THR A 51 -14.96 0.14 0.52
N VAL A 52 -14.70 -1.12 0.24
CA VAL A 52 -13.59 -1.47 -0.60
C VAL A 52 -14.08 -1.81 -2.01
N ARG A 53 -13.44 -1.25 -3.03
CA ARG A 53 -13.72 -1.57 -4.43
C ARG A 53 -12.43 -1.99 -5.13
N ILE A 54 -12.55 -3.05 -5.92
CA ILE A 54 -11.48 -3.55 -6.75
C ILE A 54 -11.52 -2.81 -8.09
N LEU A 55 -10.42 -2.13 -8.40
CA LEU A 55 -10.34 -1.30 -9.63
C LEU A 55 -9.33 -1.92 -10.59
N GLY A 56 -9.69 -2.04 -11.86
CA GLY A 56 -8.84 -2.64 -12.86
C GLY A 56 -9.10 -2.05 -14.23
N THR A 57 -8.51 -2.70 -15.23
CA THR A 57 -8.67 -2.32 -16.63
C THR A 57 -9.60 -3.25 -17.38
N LYS A 58 -9.99 -4.35 -16.74
CA LYS A 58 -10.87 -5.37 -17.34
C LYS A 58 -11.98 -5.80 -16.39
N PRO A 59 -13.06 -6.34 -16.95
CA PRO A 59 -14.13 -6.90 -16.14
C PRO A 59 -13.65 -7.91 -15.08
N GLU A 60 -12.64 -8.69 -15.43
CA GLU A 60 -12.00 -9.63 -14.50
C GLU A 60 -10.52 -9.58 -14.69
N HIS A 61 -9.78 -9.75 -13.59
CA HIS A 61 -8.36 -10.02 -13.65
C HIS A 61 -8.05 -11.39 -13.08
N HIS A 62 -6.96 -12.01 -13.56
CA HIS A 62 -6.51 -13.31 -13.05
CA HIS A 62 -6.55 -13.30 -13.03
C HIS A 62 -5.24 -13.15 -12.26
N SER A 63 -5.14 -13.89 -11.15
CA SER A 63 -3.93 -13.92 -10.32
C SER A 63 -2.88 -14.78 -10.99
N GLN A 64 -1.69 -14.80 -10.38
CA GLN A 64 -0.60 -15.64 -10.84
C GLN A 64 -1.00 -17.12 -10.85
N LEU A 65 -1.83 -17.52 -9.89
CA LEU A 65 -2.34 -18.89 -9.84
C LEU A 65 -3.62 -19.14 -10.64
N GLY A 66 -4.10 -18.11 -11.33
CA GLY A 66 -5.31 -18.23 -12.14
C GLY A 66 -6.65 -18.07 -11.45
N THR A 68 -9.79 -15.86 -10.38
CA THR A 68 -10.47 -14.78 -11.09
C THR A 68 -11.13 -13.80 -10.13
N VAL A 69 -10.79 -12.53 -10.25
CA VAL A 69 -11.38 -11.51 -9.42
C VAL A 69 -12.11 -10.49 -10.32
N LYS A 70 -13.39 -10.29 -10.05
CA LYS A 70 -14.18 -9.32 -10.77
C LYS A 70 -13.83 -7.92 -10.26
N THR A 71 -13.72 -6.99 -11.19
CA THR A 71 -13.53 -5.60 -10.80
C THR A 71 -14.87 -4.96 -10.50
N ASP A 72 -14.86 -4.05 -9.54
CA ASP A 72 -15.99 -3.22 -9.19
C ASP A 72 -16.02 -1.93 -10.00
N GLY A 73 -14.88 -1.51 -10.55
CA GLY A 73 -14.83 -0.36 -11.40
C GLY A 73 -13.48 -0.22 -12.10
N HIS A 74 -13.35 0.84 -12.87
CA HIS A 74 -12.17 1.11 -13.66
C HIS A 74 -11.08 1.78 -12.79
N VAL A 75 -9.85 1.53 -13.15
CA VAL A 75 -8.71 2.22 -12.52
C VAL A 75 -8.84 3.73 -12.45
N SER A 76 -9.46 4.35 -13.44
CA SER A 76 -9.72 5.81 -13.42
C SER A 76 -10.46 6.28 -12.15
N GLU A 77 -11.24 5.39 -11.55
CA GLU A 77 -12.03 5.71 -10.35
C GLU A 77 -11.17 5.89 -9.08
N VAL A 78 -9.86 5.70 -9.18
CA VAL A 78 -8.97 6.09 -8.06
C VAL A 78 -9.15 7.54 -7.66
N LYS A 79 -9.52 8.37 -8.63
CA LYS A 79 -9.84 9.78 -8.43
C LYS A 79 -10.87 10.02 -7.33
N GLU A 80 -11.76 9.06 -7.15
CA GLU A 80 -12.91 9.14 -6.26
CA GLU A 80 -12.90 9.22 -6.24
C GLU A 80 -12.61 8.62 -4.85
N GLN A 81 -11.47 7.96 -4.68
CA GLN A 81 -11.20 7.23 -3.43
C GLN A 81 -10.53 8.09 -2.35
N ASP A 82 -10.81 7.71 -1.10
CA ASP A 82 -10.12 8.29 0.04
C ASP A 82 -8.78 7.59 0.26
N VAL A 83 -8.69 6.31 -0.14
CA VAL A 83 -7.48 5.50 0.03
C VAL A 83 -7.32 4.76 -1.28
N VAL A 84 -6.11 4.76 -1.82
CA VAL A 84 -5.76 3.97 -3.00
C VAL A 84 -4.60 3.07 -2.63
N LEU A 85 -4.76 1.75 -2.89
CA LEU A 85 -3.72 0.75 -2.60
C LEU A 85 -3.34 0.02 -3.85
N ILE A 86 -2.03 -0.05 -4.11
CA ILE A 86 -1.51 -0.80 -5.24
C ILE A 86 -1.06 -2.20 -4.79
N THR A 87 -1.61 -3.27 -5.39
CA THR A 87 -1.14 -4.60 -5.01
CA THR A 87 -1.23 -4.65 -5.17
C THR A 87 0.11 -4.96 -5.84
N SER A 88 0.57 -6.20 -5.70
CA SER A 88 1.85 -6.63 -6.24
CA SER A 88 1.85 -6.68 -6.17
C SER A 88 1.72 -7.81 -7.19
N GLY A 89 2.81 -8.13 -7.87
CA GLY A 89 2.87 -9.23 -8.80
C GLY A 89 4.24 -9.26 -9.45
N TYR A 90 4.87 -10.41 -9.45
CA TYR A 90 6.20 -10.58 -10.01
C TYR A 90 6.18 -10.29 -11.53
N ARG A 91 5.34 -10.99 -12.28
CA ARG A 91 5.17 -10.68 -13.69
C ARG A 91 4.15 -9.55 -13.88
N GLY A 92 3.17 -9.47 -12.99
CA GLY A 92 2.10 -8.51 -13.15
C GLY A 92 2.55 -7.06 -13.14
N ILE A 93 3.46 -6.72 -12.25
CA ILE A 93 3.83 -5.31 -12.11
C ILE A 93 4.57 -4.78 -13.35
N PRO A 94 5.63 -5.46 -13.81
CA PRO A 94 6.28 -5.00 -15.02
C PRO A 94 5.34 -4.82 -16.23
N ALA A 95 4.40 -5.73 -16.42
CA ALA A 95 3.38 -5.58 -17.43
C ALA A 95 2.54 -4.31 -17.23
N ALA A 96 2.14 -4.02 -15.98
CA ALA A 96 1.32 -2.86 -15.69
C ALA A 96 2.08 -1.58 -16.00
N LEU A 97 3.37 -1.57 -15.67
CA LEU A 97 4.18 -0.36 -15.91
C LEU A 97 4.26 -0.05 -17.41
N GLN A 98 4.22 -1.09 -18.24
CA GLN A 98 4.28 -0.96 -19.70
C GLN A 98 2.93 -0.66 -20.35
N ASP A 99 1.87 -0.66 -19.55
CA ASP A 99 0.52 -0.34 -20.02
C ASP A 99 0.20 1.16 -19.85
N GLU A 100 0.26 1.93 -20.94
CA GLU A 100 0.06 3.39 -20.91
C GLU A 100 -1.33 3.78 -20.38
N ASN A 101 -2.35 3.01 -20.74
CA ASN A 101 -3.69 3.34 -20.26
CA ASN A 101 -3.77 3.12 -20.29
C ASN A 101 -3.86 3.07 -18.77
N PHE A 102 -3.22 2.04 -18.25
CA PHE A 102 -3.20 1.76 -16.81
C PHE A 102 -2.51 2.92 -16.09
N SER A 104 -1.79 6.00 -17.08
CA SER A 104 -2.41 7.32 -17.25
CA SER A 104 -2.41 7.32 -17.25
C SER A 104 -3.71 7.45 -16.46
N ALA A 105 -4.34 6.32 -16.09
CA ALA A 105 -5.55 6.37 -15.26
C ALA A 105 -5.25 6.73 -13.80
N LEU A 106 -4.01 6.45 -13.39
CA LEU A 106 -3.64 6.54 -12.00
C LEU A 106 -3.17 7.96 -11.71
N LYS A 107 -4.15 8.86 -11.60
CA LYS A 107 -3.89 10.25 -11.19
C LYS A 107 -4.18 10.36 -9.72
N LEU A 108 -3.13 10.30 -8.91
CA LEU A 108 -3.25 10.22 -7.44
C LEU A 108 -2.86 11.56 -6.82
N ASP A 109 -3.52 11.92 -5.72
CA ASP A 109 -3.30 13.20 -5.07
C ASP A 109 -3.09 13.00 -3.58
N PRO A 110 -1.85 12.94 -3.15
CA PRO A 110 -1.55 12.76 -1.71
C PRO A 110 -2.10 13.85 -0.78
N SER A 111 -2.47 15.01 -1.30
CA SER A 111 -3.09 16.04 -0.46
C SER A 111 -4.52 15.69 -0.05
N ARG A 112 -5.14 14.79 -0.80
CA ARG A 112 -6.56 14.45 -0.62
C ARG A 112 -6.81 12.93 -0.43
N GLN A 113 -5.78 12.11 -0.51
CA GLN A 113 -5.91 10.63 -0.45
CA GLN A 113 -6.01 10.69 -0.28
C GLN A 113 -4.77 10.00 0.29
N LEU A 114 -5.03 8.91 1.02
CA LEU A 114 -3.95 8.09 1.51
C LEU A 114 -3.60 7.12 0.39
N ILE A 115 -2.30 6.94 0.12
CA ILE A 115 -1.85 6.12 -1.01
C ILE A 115 -0.84 5.09 -0.47
N GLY A 116 -1.08 3.84 -0.76
CA GLY A 116 -0.20 2.80 -0.27
C GLY A 116 0.09 1.73 -1.28
N SER A 117 1.11 0.92 -0.98
CA SER A 117 1.47 -0.17 -1.87
C SER A 117 2.06 -1.29 -1.06
N ILE A 118 2.02 -2.51 -1.61
CA ILE A 118 2.67 -3.66 -1.01
C ILE A 118 3.62 -4.27 -2.06
N CYS A 119 4.78 -4.73 -1.57
CA CYS A 119 5.81 -5.37 -2.37
C CYS A 119 6.12 -4.58 -3.63
N ALA A 120 6.03 -5.17 -4.83
CA ALA A 120 6.39 -4.46 -6.07
C ALA A 120 5.39 -3.39 -6.50
N GLY A 121 4.24 -3.29 -5.84
CA GLY A 121 3.34 -2.16 -6.00
C GLY A 121 4.01 -0.77 -5.88
N SER A 122 5.08 -0.67 -5.10
CA SER A 122 5.83 0.58 -5.00
C SER A 122 6.52 0.95 -6.31
N PHE A 123 6.71 -0.01 -7.23
CA PHE A 123 7.27 0.32 -8.55
C PHE A 123 6.33 1.30 -9.27
N VAL A 124 5.02 1.02 -9.15
CA VAL A 124 4.01 1.88 -9.74
C VAL A 124 4.06 3.28 -9.15
N LEU A 125 4.07 3.39 -7.83
CA LEU A 125 4.11 4.71 -7.19
C LEU A 125 5.37 5.49 -7.58
N HIS A 126 6.51 4.79 -7.61
CA HIS A 126 7.76 5.39 -8.06
C HIS A 126 7.63 5.90 -9.50
N GLU A 127 7.15 5.04 -10.40
CA GLU A 127 7.11 5.43 -11.81
C GLU A 127 6.05 6.53 -12.14
N LEU A 128 5.02 6.66 -11.30
CA LEU A 128 4.10 7.80 -11.35
C LEU A 128 4.73 9.14 -10.90
N GLY A 129 5.92 9.10 -10.33
CA GLY A 129 6.58 10.32 -9.90
C GLY A 129 6.17 10.77 -8.52
N LEU A 130 5.37 9.97 -7.82
CA LEU A 130 4.84 10.37 -6.52
C LEU A 130 5.87 10.40 -5.39
N LEU A 131 7.00 9.75 -5.59
CA LEU A 131 7.99 9.65 -4.55
C LEU A 131 9.38 10.23 -4.97
N LYS A 132 9.34 11.26 -5.81
CA LYS A 132 10.56 11.88 -6.31
C LYS A 132 11.30 12.53 -5.17
N GLY A 133 12.55 12.12 -4.96
CA GLY A 133 13.32 12.68 -3.86
C GLY A 133 12.92 12.17 -2.49
N LYS A 134 12.14 11.09 -2.46
CA LYS A 134 11.60 10.52 -1.23
C LYS A 134 12.10 9.08 -1.05
N LYS A 135 11.84 8.53 0.13
CA LYS A 135 12.21 7.15 0.44
C LYS A 135 11.05 6.19 0.16
N LEU A 136 11.38 4.94 -0.08
CA LEU A 136 10.38 3.90 -0.20
C LEU A 136 11.00 2.51 0.09
N THR A 137 10.14 1.50 0.11
CA THR A 137 10.54 0.13 0.32
C THR A 137 9.84 -0.76 -0.71
N THR A 138 10.27 -2.01 -0.78
CA THR A 138 9.65 -3.03 -1.62
C THR A 138 10.09 -4.39 -1.04
N ASN A 139 9.67 -5.48 -1.65
CA ASN A 139 10.18 -6.78 -1.16
C ASN A 139 11.69 -6.90 -1.38
N PRO A 140 12.40 -7.53 -0.44
CA PRO A 140 13.85 -7.62 -0.55
C PRO A 140 14.36 -8.10 -1.89
N ASP A 141 13.69 -9.08 -2.49
CA ASP A 141 14.19 -9.59 -3.78
C ASP A 141 14.01 -8.62 -4.93
N ALA A 142 13.17 -7.61 -4.73
CA ALA A 142 12.91 -6.61 -5.76
C ALA A 142 13.74 -5.33 -5.57
N LYS A 143 14.47 -5.24 -4.46
CA LYS A 143 15.17 -3.99 -4.10
C LYS A 143 16.15 -3.51 -5.16
N ALA A 144 17.00 -4.44 -5.65
CA ALA A 144 18.07 -4.09 -6.57
C ALA A 144 17.46 -3.51 -7.84
N VAL A 145 16.37 -4.10 -8.30
CA VAL A 145 15.72 -3.58 -9.52
C VAL A 145 15.12 -2.20 -9.30
N LEU A 146 14.44 -2.02 -8.18
CA LEU A 146 13.86 -0.69 -7.87
C LEU A 146 14.95 0.38 -7.71
N GLN A 147 16.06 0.03 -7.08
CA GLN A 147 17.21 0.92 -7.03
C GLN A 147 17.69 1.38 -8.41
N GLY A 148 17.82 0.42 -9.33
CA GLY A 148 18.23 0.70 -10.71
C GLY A 148 17.23 1.56 -11.49
N GLY A 150 15.91 4.08 -10.01
CA GLY A 150 16.09 5.35 -9.33
C GLY A 150 15.45 5.47 -7.96
N GLY A 151 14.93 4.36 -7.43
CA GLY A 151 14.31 4.36 -6.11
C GLY A 151 15.33 4.43 -4.99
N ASP A 152 15.03 5.25 -3.99
CA ASP A 152 15.87 5.31 -2.81
C ASP A 152 15.28 4.30 -1.81
N VAL A 153 15.67 3.02 -1.96
CA VAL A 153 15.02 1.92 -1.26
C VAL A 153 15.67 1.67 0.08
N GLN A 154 14.84 1.59 1.12
CA GLN A 154 15.35 1.25 2.42
CA GLN A 154 15.24 1.29 2.49
C GLN A 154 14.98 -0.18 2.82
N ASP A 155 15.80 -0.77 3.69
CA ASP A 155 15.63 -2.12 4.18
C ASP A 155 14.74 -2.10 5.41
N LEU A 156 13.51 -1.65 5.19
CA LEU A 156 12.52 -1.42 6.26
C LEU A 156 11.15 -1.92 5.81
N PRO A 157 10.34 -2.39 6.76
CA PRO A 157 9.05 -2.93 6.35
C PRO A 157 8.00 -1.91 5.90
N LEU A 158 8.06 -0.70 6.41
CA LEU A 158 7.09 0.34 6.12
C LEU A 158 7.83 1.68 6.04
N VAL A 159 7.60 2.42 4.94
CA VAL A 159 8.23 3.74 4.75
C VAL A 159 7.13 4.71 4.47
N ILE A 160 6.96 5.68 5.37
CA ILE A 160 5.90 6.69 5.30
C ILE A 160 6.46 8.03 4.80
N GLU A 161 5.84 8.59 3.76
CA GLU A 161 6.19 9.90 3.23
C GLU A 161 4.90 10.70 3.10
N GLY A 162 4.53 11.39 4.17
CA GLY A 162 3.28 12.16 4.25
C GLY A 162 2.08 11.26 4.26
N ASN A 163 1.30 11.33 3.18
CA ASN A 163 0.10 10.49 3.03
C ASN A 163 0.32 9.31 2.08
N ILE A 164 1.60 9.03 1.78
CA ILE A 164 2.00 7.87 0.99
C ILE A 164 2.77 6.92 1.92
N ALA A 165 2.47 5.62 1.81
CA ALA A 165 3.23 4.63 2.55
C ALA A 165 3.46 3.44 1.66
N THR A 166 4.71 2.99 1.63
CA THR A 166 5.07 1.76 0.92
C THR A 166 5.44 0.69 1.97
N ALA A 167 5.10 -0.57 1.65
CA ALA A 167 5.34 -1.69 2.53
C ALA A 167 6.05 -2.80 1.76
N GLY A 168 7.00 -3.44 2.44
CA GLY A 168 7.83 -4.48 1.82
C GLY A 168 7.77 -5.81 2.55
N GLY A 169 7.57 -6.89 1.80
CA GLY A 169 7.38 -8.25 2.33
C GLY A 169 5.91 -8.42 2.66
N CYS A 170 5.35 -9.56 2.30
CA CYS A 170 3.89 -9.77 2.35
CA CYS A 170 3.90 -9.70 2.30
C CYS A 170 3.26 -9.39 3.68
N LEU A 171 3.84 -9.89 4.77
CA LEU A 171 3.27 -9.69 6.10
C LEU A 171 3.32 -8.24 6.59
N SER A 172 4.04 -7.37 5.87
CA SER A 172 4.07 -5.95 6.21
CA SER A 172 4.07 -5.96 6.21
C SER A 172 2.69 -5.33 5.93
N LEU A 173 1.80 -6.07 5.28
CA LEU A 173 0.43 -5.64 5.21
C LEU A 173 -0.22 -5.32 6.58
N LEU A 174 0.25 -5.99 7.64
CA LEU A 174 -0.21 -5.67 8.97
C LEU A 174 0.11 -4.24 9.33
N TYR A 175 1.31 -3.78 8.91
CA TYR A 175 1.73 -2.39 9.14
C TYR A 175 1.02 -1.38 8.26
N LEU A 176 0.81 -1.75 7.00
CA LEU A 176 0.21 -0.85 6.02
C LEU A 176 -1.24 -0.61 6.38
N VAL A 177 -2.00 -1.68 6.66
CA VAL A 177 -3.41 -1.50 7.06
C VAL A 177 -3.54 -0.83 8.43
N GLY A 178 -2.64 -1.15 9.35
CA GLY A 178 -2.61 -0.51 10.64
C GLY A 178 -2.36 0.98 10.55
N TRP A 179 -1.51 1.39 9.60
CA TRP A 179 -1.25 2.81 9.35
C TRP A 179 -2.52 3.49 8.85
N LEU A 180 -3.23 2.85 7.92
CA LEU A 180 -4.53 3.38 7.46
C LEU A 180 -5.45 3.62 8.64
N ALA A 181 -5.56 2.60 9.50
CA ALA A 181 -6.45 2.64 10.68
C ALA A 181 -6.04 3.77 11.64
N GLU A 182 -4.73 3.94 11.84
CA GLU A 182 -4.21 4.99 12.71
C GLU A 182 -4.47 6.38 12.13
N ARG A 183 -4.25 6.53 10.83
CA ARG A 183 -4.45 7.81 10.18
C ARG A 183 -5.94 8.21 10.13
N LEU A 184 -6.82 7.25 9.86
CA LEU A 184 -8.25 7.54 9.67
C LEU A 184 -9.10 7.43 10.92
N PHE A 185 -8.70 6.54 11.82
CA PHE A 185 -9.47 6.22 13.03
C PHE A 185 -8.55 6.31 14.26
N ASP A 186 -8.25 5.17 14.89
CA ASP A 186 -7.37 5.18 16.07
C ASP A 186 -6.83 3.77 16.31
N SER A 187 -6.08 3.60 17.40
CA SER A 187 -5.48 2.32 17.80
C SER A 187 -6.47 1.22 18.12
N VAL A 188 -7.63 1.59 18.68
CA VAL A 188 -8.67 0.60 18.96
C VAL A 188 -9.12 -0.08 17.65
N LYS A 189 -9.33 0.71 16.61
CA LYS A 189 -9.69 0.19 15.29
C LYS A 189 -8.58 -0.69 14.75
N ARG A 190 -7.35 -0.19 14.84
CA ARG A 190 -6.19 -0.93 14.36
C ARG A 190 -6.13 -2.32 15.00
N LYS A 191 -6.21 -2.35 16.34
CA LYS A 191 -6.14 -3.61 17.09
C LYS A 191 -7.27 -4.57 16.73
N GLN A 192 -8.48 -4.04 16.58
CA GLN A 192 -9.66 -4.81 16.18
C GLN A 192 -9.39 -5.58 14.86
N ILE A 193 -8.82 -4.88 13.88
CA ILE A 193 -8.48 -5.47 12.58
C ILE A 193 -7.39 -6.53 12.72
N GLN A 194 -6.26 -6.16 13.32
CA GLN A 194 -5.08 -7.05 13.27
C GLN A 194 -5.31 -8.34 14.09
N ASN A 195 -6.12 -8.22 15.15
CA ASN A 195 -6.29 -9.35 16.07
C ASN A 195 -6.95 -10.58 15.41
N GLN A 196 -7.66 -10.36 14.31
CA GLN A 196 -8.28 -11.47 13.58
CA GLN A 196 -8.30 -11.48 13.61
C GLN A 196 -7.28 -12.26 12.72
N LEU A 197 -6.07 -11.75 12.53
CA LEU A 197 -5.10 -12.51 11.66
C LEU A 197 -3.93 -13.04 12.49
N ILE A 198 -3.71 -12.48 13.66
CA ILE A 198 -2.47 -12.79 14.35
C ILE A 198 -2.58 -14.12 15.08
N PRO A 199 -1.42 -14.72 15.37
CA PRO A 199 -1.39 -16.00 16.05
C PRO A 199 -2.09 -16.03 17.42
N ALA A 200 -2.88 -17.09 17.66
CA ALA A 200 -3.49 -17.33 18.95
C ALA A 200 -2.44 -17.26 20.06
N GLY A 201 -2.78 -16.58 21.14
CA GLY A 201 -1.90 -16.39 22.28
C GLY A 201 -0.75 -15.40 22.14
N GLN A 202 -0.66 -14.72 21.00
CA GLN A 202 0.42 -13.76 20.77
C GLN A 202 -0.08 -12.33 20.48
N GLU A 204 -0.32 -9.69 22.39
CA GLU A 204 0.54 -8.65 22.98
C GLU A 204 1.89 -8.50 22.22
N ILE A 205 2.48 -9.63 21.84
CA ILE A 205 3.71 -9.67 21.05
C ILE A 205 3.50 -8.91 19.73
N PHE A 206 2.40 -9.21 19.08
CA PHE A 206 2.12 -8.57 17.79
C PHE A 206 1.71 -7.12 17.96
N GLU A 207 0.99 -6.80 19.03
CA GLU A 207 0.68 -5.39 19.30
C GLU A 207 1.96 -4.58 19.49
N THR A 208 2.89 -5.10 20.28
CA THR A 208 4.16 -4.41 20.46
C THR A 208 4.84 -4.20 19.11
N LEU A 209 4.92 -5.27 18.34
CA LEU A 209 5.58 -5.25 17.03
C LEU A 209 4.94 -4.25 16.05
N ILE A 210 3.62 -4.31 15.90
CA ILE A 210 2.91 -3.47 14.96
C ILE A 210 2.93 -2.00 15.39
N SER A 211 2.61 -1.74 16.66
CA SER A 211 2.55 -0.36 17.13
C SER A 211 3.92 0.28 16.98
N GLU A 212 4.96 -0.42 17.38
CA GLU A 212 6.30 0.15 17.30
CA GLU A 212 6.33 0.11 17.29
C GLU A 212 6.79 0.33 15.85
N THR A 213 6.48 -0.61 14.97
CA THR A 213 6.92 -0.52 13.59
C THR A 213 6.28 0.71 12.94
N ILE A 214 4.97 0.90 13.14
CA ILE A 214 4.30 2.06 12.57
C ILE A 214 4.84 3.37 13.19
N GLN A 215 5.00 3.40 14.51
CA GLN A 215 5.44 4.61 15.19
C GLN A 215 6.85 4.96 14.72
N SER A 216 7.70 3.94 14.52
CA SER A 216 9.06 4.22 14.06
C SER A 216 9.07 4.80 12.63
N ALA A 217 8.16 4.31 11.79
CA ALA A 217 8.03 4.83 10.44
C ALA A 217 7.54 6.28 10.45
N GLU A 218 6.57 6.60 11.32
CA GLU A 218 6.09 7.97 11.45
C GLU A 218 7.23 8.88 11.97
N SER A 219 8.03 8.37 12.90
CA SER A 219 9.14 9.14 13.46
CA SER A 219 9.14 9.15 13.47
C SER A 219 10.17 9.52 12.40
N ALA A 220 10.55 8.56 11.56
CA ALA A 220 11.45 8.83 10.45
C ALA A 220 10.88 9.84 9.48
N TYR A 221 9.59 9.70 9.15
CA TYR A 221 8.94 10.67 8.29
C TYR A 221 8.98 12.08 8.85
N GLU A 222 8.64 12.24 10.12
CA GLU A 222 8.56 13.57 10.75
C GLU A 222 9.94 14.21 10.83
N TYR A 223 10.97 13.37 11.02
CA TYR A 223 12.38 13.85 10.89
C TYR A 223 12.64 14.38 9.48
N ARG A 224 12.28 13.61 8.47
CA ARG A 224 12.51 14.07 7.11
C ARG A 224 11.72 15.35 6.79
N SER A 225 10.48 15.42 7.29
CA SER A 225 9.67 16.64 7.12
C SER A 225 10.30 17.85 7.80
N ALA A 226 10.84 17.64 9.00
CA ALA A 226 11.48 18.70 9.77
C ALA A 226 12.71 19.22 9.01
N CYS A 227 13.48 18.31 8.41
CA CYS A 227 14.65 18.72 7.66
C CYS A 227 14.25 19.59 6.47
N GLU A 228 13.17 19.16 5.82
CA GLU A 228 12.64 19.86 4.63
C GLU A 228 12.21 21.25 5.00
N SER A 229 11.43 21.37 6.07
CA SER A 229 11.03 22.67 6.61
C SER A 229 12.22 23.53 6.94
N ASP A 230 13.21 22.96 7.63
CA ASP A 230 14.44 23.69 7.94
C ASP A 230 15.11 24.24 6.68
N ALA A 231 15.21 23.38 5.66
CA ALA A 231 15.79 23.77 4.37
C ALA A 231 14.98 24.85 3.65
N GLU A 232 13.64 24.76 3.73
CA GLU A 232 12.74 25.71 3.07
C GLU A 232 12.85 27.11 3.70
N SER A 233 13.07 27.16 5.01
CA SER A 233 13.10 28.43 5.76
C SER A 233 14.30 29.34 5.44
#